data_7T01
#
_entry.id   7T01
#
_cell.length_a   1.00
_cell.length_b   1.00
_cell.length_c   1.00
_cell.angle_alpha   90.00
_cell.angle_beta   90.00
_cell.angle_gamma   90.00
#
_symmetry.space_group_name_H-M   'P 1'
#
loop_
_entity.id
_entity.type
_entity.pdbx_description
1 polymer 'Spike protein S1'
2 polymer '54042-4 Fab - Heavy Chain'
3 polymer '54042-4 Fab - Light Chain'
#
loop_
_entity_poly.entity_id
_entity_poly.type
_entity_poly.pdbx_seq_one_letter_code
_entity_poly.pdbx_strand_id
1 'polypeptide(L)'
;FPNITNLCPFGEVFNATRFASVYAWNRKRISNCVADYSVLYNSASFSTFKCYGVSPTKLNDLCFTNVYADSFVIRGDEVR
QIAPGQTGKIADYNYKLPDDFTGCVIAWNSNNLDSKVGGNYNYLYRLFRKSNLKPFERDISTEIYQAGSTPCNGVEGFNC
YFPLQSYGFQPTNGVGYQPYRVVVLSFELLHAPATVCGPKK
;
A
2 'polypeptide(L)'
;QITLKESGPTLVKPTQTLTLTCTFSGFSLSTIGVGVSWIRQPPGKALDWLALIYWDDDKRYSPSLKSRLTVTMDTSKNQV
VLTLTNMDPVDTATYFCAHGLFSSSDWGGLDVWGQGTTVT
;
H
3 'polypeptide(L)'
;DMQMTQSPSSLSASVGDRVTITCRASQSVFTYLNWYQQKPGKAPKLLIYAASRLQSGVPSRFRGSGSGTDFTLTISSLQP
EDFATYYCQQSHSTPFIFGPGTKVDIK
;
L
#
# COMPACT_ATOMS: atom_id res chain seq x y z
N PHE A 1 -3.35 -18.67 -43.50
CA PHE A 1 -3.48 -18.74 -42.05
C PHE A 1 -4.84 -19.36 -41.68
N PRO A 2 -4.98 -19.85 -40.44
CA PRO A 2 -6.16 -20.66 -40.13
C PRO A 2 -7.46 -19.87 -40.18
N ASN A 3 -8.55 -20.63 -40.29
CA ASN A 3 -9.91 -20.08 -40.30
C ASN A 3 -10.38 -19.76 -38.88
N ILE A 4 -9.71 -18.80 -38.26
CA ILE A 4 -9.98 -18.44 -36.87
C ILE A 4 -9.99 -16.92 -36.74
N THR A 5 -10.87 -16.41 -35.88
CA THR A 5 -11.13 -14.97 -35.77
C THR A 5 -11.07 -14.40 -34.36
N ASN A 6 -11.01 -15.23 -33.31
CA ASN A 6 -11.02 -14.70 -31.95
C ASN A 6 -9.73 -13.95 -31.60
N LEU A 7 -9.89 -12.77 -31.02
CA LEU A 7 -8.75 -11.93 -30.65
C LEU A 7 -8.02 -12.55 -29.46
N CYS A 8 -6.73 -12.26 -29.36
CA CYS A 8 -5.90 -12.71 -28.25
C CYS A 8 -6.41 -12.17 -26.91
N PRO A 9 -6.49 -13.00 -25.88
CA PRO A 9 -6.81 -12.51 -24.52
C PRO A 9 -5.69 -11.74 -23.83
N PHE A 10 -4.98 -10.85 -24.54
CA PHE A 10 -4.06 -9.92 -23.87
C PHE A 10 -4.74 -9.08 -22.80
N GLY A 11 -6.05 -8.85 -22.92
CA GLY A 11 -6.77 -8.16 -21.85
C GLY A 11 -6.62 -8.81 -20.49
N GLU A 12 -6.59 -10.14 -20.45
CA GLU A 12 -6.38 -10.89 -19.21
C GLU A 12 -4.94 -10.88 -18.73
N VAL A 13 -4.00 -10.45 -19.55
CA VAL A 13 -2.59 -10.39 -19.16
C VAL A 13 -2.21 -9.01 -18.66
N PHE A 14 -2.42 -8.00 -19.49
CA PHE A 14 -1.94 -6.65 -19.19
C PHE A 14 -2.83 -5.97 -18.15
N ASN A 15 -4.13 -5.92 -18.39
CA ASN A 15 -5.04 -5.18 -17.53
C ASN A 15 -5.60 -6.04 -16.40
N ALA A 16 -4.89 -7.12 -16.06
CA ALA A 16 -5.24 -7.93 -14.91
C ALA A 16 -5.06 -7.13 -13.62
N THR A 17 -5.96 -7.34 -12.67
CA THR A 17 -5.96 -6.56 -11.44
C THR A 17 -4.75 -6.90 -10.55
N ARG A 18 -4.46 -8.18 -10.37
CA ARG A 18 -3.42 -8.63 -9.47
C ARG A 18 -2.30 -9.31 -10.24
N PHE A 19 -1.08 -8.84 -10.04
CA PHE A 19 0.11 -9.43 -10.64
C PHE A 19 0.85 -10.28 -9.62
N ALA A 20 1.60 -11.26 -10.11
CA ALA A 20 2.44 -12.08 -9.25
C ALA A 20 3.61 -11.30 -8.69
N SER A 21 3.99 -11.65 -7.47
CA SER A 21 5.35 -11.40 -7.00
C SER A 21 6.35 -12.12 -7.89
N VAL A 22 7.48 -11.47 -8.15
CA VAL A 22 8.44 -11.97 -9.14
C VAL A 22 8.99 -13.33 -8.76
N TYR A 23 9.13 -13.62 -7.45
CA TYR A 23 9.62 -14.93 -7.04
C TYR A 23 8.68 -16.05 -7.45
N ALA A 24 7.41 -15.73 -7.69
CA ALA A 24 6.37 -16.69 -8.06
C ALA A 24 5.70 -16.28 -9.36
N TRP A 25 6.51 -15.72 -10.28
CA TRP A 25 6.02 -15.11 -11.52
C TRP A 25 5.00 -15.97 -12.25
N ASN A 26 3.92 -15.34 -12.67
CA ASN A 26 2.82 -16.04 -13.31
C ASN A 26 3.16 -16.33 -14.77
N ARG A 27 2.45 -17.29 -15.35
CA ARG A 27 2.57 -17.63 -16.76
C ARG A 27 1.21 -18.00 -17.32
N LYS A 28 0.92 -17.53 -18.53
CA LYS A 28 -0.27 -17.94 -19.27
C LYS A 28 0.14 -18.47 -20.63
N ARG A 29 -0.34 -19.67 -20.98
CA ARG A 29 -0.14 -20.26 -22.30
C ARG A 29 -1.13 -19.63 -23.27
N ILE A 30 -0.79 -18.43 -23.75
CA ILE A 30 -1.56 -17.79 -24.81
C ILE A 30 -1.51 -18.64 -26.07
N SER A 31 -2.67 -19.03 -26.58
CA SER A 31 -2.73 -20.00 -27.66
C SER A 31 -4.03 -19.83 -28.43
N ASN A 32 -4.05 -20.39 -29.65
CA ASN A 32 -5.26 -20.53 -30.48
C ASN A 32 -6.00 -19.21 -30.68
N CYS A 33 -5.26 -18.13 -30.93
CA CYS A 33 -5.92 -16.83 -31.06
C CYS A 33 -5.16 -15.94 -32.03
N VAL A 34 -5.85 -14.90 -32.49
CA VAL A 34 -5.29 -13.86 -33.33
C VAL A 34 -4.72 -12.76 -32.42
N ALA A 35 -3.40 -12.68 -32.35
CA ALA A 35 -2.71 -11.70 -31.51
C ALA A 35 -2.30 -10.50 -32.37
N ASP A 36 -3.03 -9.40 -32.23
CA ASP A 36 -2.55 -8.12 -32.73
C ASP A 36 -1.62 -7.50 -31.69
N TYR A 37 -0.37 -7.32 -32.06
CA TYR A 37 0.63 -6.69 -31.22
C TYR A 37 0.77 -5.19 -31.45
N SER A 38 0.29 -4.67 -32.58
CA SER A 38 0.44 -3.25 -32.88
C SER A 38 -0.25 -2.37 -31.84
N VAL A 39 -1.43 -2.78 -31.37
CA VAL A 39 -2.12 -2.05 -30.31
C VAL A 39 -1.28 -1.92 -29.05
N LEU A 40 -0.43 -2.90 -28.78
CA LEU A 40 0.52 -2.81 -27.66
C LEU A 40 1.71 -1.93 -28.00
N TYR A 41 2.45 -2.31 -29.05
CA TYR A 41 3.71 -1.64 -29.40
C TYR A 41 3.52 -0.15 -29.64
N ASN A 42 2.44 0.23 -30.32
CA ASN A 42 2.22 1.64 -30.61
C ASN A 42 1.68 2.44 -29.42
N SER A 43 1.23 1.78 -28.35
CA SER A 43 0.70 2.51 -27.21
C SER A 43 1.78 3.32 -26.52
N ALA A 44 1.39 4.47 -25.98
CA ALA A 44 2.21 5.22 -25.03
C ALA A 44 2.22 4.63 -23.63
N SER A 45 1.38 3.62 -23.37
CA SER A 45 1.20 3.09 -22.03
C SER A 45 2.51 2.54 -21.45
N PHE A 46 3.35 1.95 -22.29
CA PHE A 46 4.50 1.19 -21.84
C PHE A 46 5.75 2.05 -21.82
N SER A 47 6.54 1.91 -20.76
CA SER A 47 7.82 2.59 -20.63
C SER A 47 8.98 1.86 -21.29
N THR A 48 8.87 0.56 -21.53
CA THR A 48 9.74 -0.10 -22.49
C THR A 48 8.96 -1.16 -23.25
N PHE A 49 9.37 -1.38 -24.50
CA PHE A 49 8.81 -2.45 -25.33
C PHE A 49 9.94 -3.19 -26.06
N LYS A 50 11.16 -3.15 -25.52
CA LYS A 50 12.30 -3.73 -26.22
C LYS A 50 12.11 -5.23 -26.46
N CYS A 51 12.58 -5.69 -27.61
CA CYS A 51 12.39 -7.06 -28.06
C CYS A 51 13.74 -7.66 -28.47
N TYR A 52 13.79 -8.98 -28.46
CA TYR A 52 15.00 -9.74 -28.74
C TYR A 52 14.69 -10.88 -29.69
N GLY A 53 15.61 -11.12 -30.62
CA GLY A 53 15.42 -12.10 -31.68
C GLY A 53 14.30 -11.83 -32.66
N VAL A 54 13.63 -10.68 -32.53
CA VAL A 54 12.56 -10.31 -33.45
C VAL A 54 12.45 -8.79 -33.41
N SER A 55 11.85 -8.20 -34.45
CA SER A 55 11.59 -6.77 -34.47
C SER A 55 10.12 -6.51 -34.21
N PRO A 56 9.79 -5.56 -33.33
CA PRO A 56 8.36 -5.30 -33.03
C PRO A 56 7.56 -4.84 -34.23
N THR A 57 8.19 -4.23 -35.23
CA THR A 57 7.49 -3.93 -36.47
C THR A 57 7.14 -5.20 -37.23
N LYS A 58 8.10 -6.13 -37.34
CA LYS A 58 7.95 -7.25 -38.27
C LYS A 58 6.95 -8.28 -37.75
N LEU A 59 6.91 -8.49 -36.43
CA LEU A 59 6.30 -9.67 -35.84
C LEU A 59 4.78 -9.73 -36.03
N ASN A 60 4.13 -8.64 -36.44
CA ASN A 60 2.72 -8.71 -36.82
C ASN A 60 2.50 -9.55 -38.07
N ASP A 61 3.55 -9.83 -38.83
CA ASP A 61 3.49 -10.76 -39.96
C ASP A 61 3.77 -12.20 -39.55
N LEU A 62 4.34 -12.43 -38.38
CA LEU A 62 4.81 -13.75 -37.99
C LEU A 62 3.66 -14.57 -37.41
N CYS A 63 3.87 -15.88 -37.36
CA CYS A 63 3.00 -16.79 -36.61
C CYS A 63 3.84 -17.81 -35.86
N PHE A 64 3.39 -18.19 -34.66
CA PHE A 64 4.22 -18.87 -33.69
C PHE A 64 3.47 -20.07 -33.12
N THR A 65 4.23 -20.99 -32.54
CA THR A 65 3.65 -22.21 -32.00
C THR A 65 2.89 -21.96 -30.72
N ASN A 66 3.36 -21.00 -29.91
CA ASN A 66 2.64 -20.52 -28.74
C ASN A 66 3.27 -19.22 -28.29
N VAL A 67 2.52 -18.47 -27.47
CA VAL A 67 3.08 -17.43 -26.63
C VAL A 67 2.93 -17.87 -25.18
N TYR A 68 4.04 -17.84 -24.44
CA TYR A 68 3.98 -17.80 -22.98
C TYR A 68 4.08 -16.34 -22.55
N ALA A 69 3.03 -15.84 -21.91
CA ALA A 69 3.04 -14.52 -21.28
C ALA A 69 3.40 -14.64 -19.81
N ASP A 70 4.60 -14.20 -19.44
CA ASP A 70 5.05 -14.19 -18.06
C ASP A 70 4.87 -12.79 -17.51
N SER A 71 4.48 -12.68 -16.24
CA SER A 71 4.24 -11.37 -15.66
C SER A 71 4.61 -11.32 -14.18
N PHE A 72 5.06 -10.15 -13.74
CA PHE A 72 5.50 -9.92 -12.37
C PHE A 72 5.62 -8.42 -12.14
N VAL A 73 5.78 -8.05 -10.87
CA VAL A 73 6.10 -6.68 -10.45
C VAL A 73 7.51 -6.62 -9.87
N ILE A 74 8.30 -5.65 -10.33
CA ILE A 74 9.67 -5.45 -9.87
C ILE A 74 9.94 -3.95 -9.74
N ARG A 75 11.08 -3.64 -9.12
CA ARG A 75 11.55 -2.26 -9.03
C ARG A 75 11.89 -1.66 -10.38
N GLY A 76 11.96 -0.33 -10.41
CA GLY A 76 12.33 0.39 -11.62
C GLY A 76 13.74 0.10 -12.10
N ASP A 77 14.70 0.10 -11.18
CA ASP A 77 16.09 -0.17 -11.54
C ASP A 77 16.36 -1.65 -11.77
N GLU A 78 15.37 -2.51 -11.58
CA GLU A 78 15.48 -3.93 -11.83
C GLU A 78 14.90 -4.33 -13.18
N VAL A 79 14.21 -3.42 -13.87
CA VAL A 79 13.69 -3.68 -15.21
C VAL A 79 14.83 -3.99 -16.17
N ARG A 80 15.97 -3.32 -16.00
CA ARG A 80 17.15 -3.60 -16.82
C ARG A 80 17.63 -5.04 -16.67
N GLN A 81 17.35 -5.68 -15.53
CA GLN A 81 17.80 -7.04 -15.31
C GLN A 81 16.97 -8.07 -16.05
N ILE A 82 15.82 -7.70 -16.58
CA ILE A 82 14.96 -8.62 -17.33
C ILE A 82 15.39 -8.57 -18.79
N ALA A 83 16.56 -9.14 -19.08
CA ALA A 83 17.09 -9.15 -20.44
C ALA A 83 18.15 -10.25 -20.52
N PRO A 84 18.38 -10.80 -21.71
CA PRO A 84 19.38 -11.87 -21.84
C PRO A 84 20.78 -11.40 -21.43
N GLY A 85 21.51 -12.30 -20.77
CA GLY A 85 22.88 -12.02 -20.40
C GLY A 85 23.06 -11.00 -19.29
N GLN A 86 22.02 -10.71 -18.54
CA GLN A 86 22.08 -9.76 -17.44
C GLN A 86 22.34 -10.47 -16.12
N THR A 87 22.78 -9.70 -15.14
CA THR A 87 23.05 -10.23 -13.80
C THR A 87 22.40 -9.32 -12.76
N GLY A 88 22.30 -9.86 -11.56
CA GLY A 88 21.63 -9.21 -10.45
C GLY A 88 20.69 -10.16 -9.75
N LYS A 89 20.21 -9.71 -8.59
CA LYS A 89 19.43 -10.61 -7.72
C LYS A 89 18.14 -11.08 -8.37
N ILE A 90 17.55 -10.28 -9.25
CA ILE A 90 16.37 -10.72 -9.98
C ILE A 90 16.75 -11.72 -11.06
N ALA A 91 17.74 -11.38 -11.89
CA ALA A 91 18.14 -12.28 -12.96
C ALA A 91 18.76 -13.56 -12.40
N ASP A 92 19.52 -13.46 -11.32
CA ASP A 92 20.16 -14.65 -10.76
C ASP A 92 19.16 -15.52 -10.00
N TYR A 93 18.33 -14.92 -9.14
CA TYR A 93 17.55 -15.69 -8.20
C TYR A 93 16.04 -15.56 -8.36
N ASN A 94 15.55 -14.77 -9.32
CA ASN A 94 14.11 -14.63 -9.41
C ASN A 94 13.53 -14.94 -10.80
N TYR A 95 14.12 -14.42 -11.86
CA TYR A 95 13.58 -14.67 -13.20
C TYR A 95 14.69 -14.58 -14.23
N LYS A 96 15.12 -15.73 -14.76
CA LYS A 96 16.24 -15.82 -15.68
C LYS A 96 15.74 -16.04 -17.09
N LEU A 97 16.15 -15.18 -18.02
CA LEU A 97 15.92 -15.37 -19.44
C LEU A 97 17.11 -16.04 -20.11
N PRO A 98 16.87 -16.96 -21.03
CA PRO A 98 17.98 -17.64 -21.71
C PRO A 98 18.70 -16.72 -22.67
N ASP A 99 19.98 -17.03 -22.91
CA ASP A 99 20.77 -16.28 -23.88
C ASP A 99 20.10 -16.22 -25.25
N ASP A 100 19.61 -17.37 -25.72
CA ASP A 100 18.95 -17.48 -27.02
C ASP A 100 17.47 -17.08 -26.99
N PHE A 101 17.05 -16.31 -25.98
CA PHE A 101 15.66 -15.88 -25.86
C PHE A 101 15.18 -15.22 -27.15
N THR A 102 13.91 -15.43 -27.49
CA THR A 102 13.22 -14.60 -28.46
C THR A 102 11.86 -14.18 -27.91
N GLY A 103 11.55 -12.90 -28.03
CA GLY A 103 10.40 -12.35 -27.35
C GLY A 103 10.51 -10.86 -27.17
N CYS A 104 9.55 -10.30 -26.44
CA CYS A 104 9.54 -8.91 -26.04
C CYS A 104 9.36 -8.80 -24.53
N VAL A 105 10.15 -7.94 -23.90
CA VAL A 105 10.01 -7.63 -22.48
C VAL A 105 9.31 -6.29 -22.38
N ILE A 106 8.02 -6.32 -22.07
CA ILE A 106 7.21 -5.12 -21.88
C ILE A 106 7.20 -4.76 -20.40
N ALA A 107 7.33 -3.46 -20.10
CA ALA A 107 7.12 -2.97 -18.74
C ALA A 107 6.40 -1.63 -18.80
N TRP A 108 5.63 -1.34 -17.75
CA TRP A 108 5.10 0.00 -17.52
C TRP A 108 5.08 0.31 -16.04
N ASN A 109 5.26 1.60 -15.72
CA ASN A 109 5.13 2.08 -14.35
C ASN A 109 3.70 1.92 -13.84
N SER A 110 3.56 1.19 -12.72
CA SER A 110 2.27 0.84 -12.16
C SER A 110 2.08 1.39 -10.75
N ASN A 111 2.82 2.46 -10.42
CA ASN A 111 2.77 3.09 -9.10
C ASN A 111 1.38 3.49 -8.65
N ASN A 112 0.52 3.90 -9.60
CA ASN A 112 -0.86 4.22 -9.27
C ASN A 112 -1.64 3.04 -8.69
N LEU A 113 -1.27 1.81 -9.06
CA LEU A 113 -2.01 0.63 -8.60
C LEU A 113 -1.27 -0.20 -7.56
N ASP A 114 0.04 -0.34 -7.67
CA ASP A 114 0.81 -1.24 -6.83
C ASP A 114 1.47 -0.57 -5.63
N SER A 115 1.03 0.64 -5.26
CA SER A 115 1.51 1.25 -4.03
C SER A 115 0.36 1.82 -3.22
N LYS A 116 0.58 1.87 -1.91
CA LYS A 116 -0.38 2.36 -0.94
C LYS A 116 0.33 3.31 0.01
N VAL A 117 -0.45 4.21 0.63
CA VAL A 117 0.12 5.31 1.41
C VAL A 117 0.99 4.78 2.56
N GLY A 118 0.62 3.65 3.15
CA GLY A 118 1.43 3.07 4.20
C GLY A 118 2.49 2.13 3.66
N GLY A 119 2.77 2.22 2.36
CA GLY A 119 3.63 1.28 1.69
C GLY A 119 2.92 -0.02 1.34
N ASN A 120 3.16 -0.54 0.15
CA ASN A 120 2.67 -1.85 -0.25
C ASN A 120 3.78 -2.87 -0.09
N TYR A 121 3.50 -3.96 0.62
CA TYR A 121 4.49 -4.99 0.87
C TYR A 121 4.05 -6.36 0.37
N ASN A 122 2.93 -6.45 -0.34
CA ASN A 122 2.49 -7.72 -0.92
C ASN A 122 3.42 -8.24 -2.01
N TYR A 123 4.21 -7.37 -2.64
CA TYR A 123 5.15 -7.79 -3.66
C TYR A 123 6.50 -8.13 -3.06
N LEU A 124 7.02 -9.30 -3.43
CA LEU A 124 8.03 -10.01 -2.66
C LEU A 124 9.05 -10.58 -3.64
N TYR A 125 10.33 -10.52 -3.28
CA TYR A 125 11.39 -11.07 -4.13
C TYR A 125 12.38 -11.89 -3.32
N ARG A 126 12.88 -12.96 -3.94
CA ARG A 126 13.89 -13.83 -3.34
C ARG A 126 15.25 -13.13 -3.34
N LEU A 127 15.73 -12.73 -2.15
CA LEU A 127 17.03 -12.07 -2.07
C LEU A 127 18.20 -13.06 -2.01
N PHE A 128 17.99 -14.23 -1.41
CA PHE A 128 19.04 -15.23 -1.24
C PHE A 128 18.71 -16.51 -1.98
N ARG A 129 19.73 -17.11 -2.59
CA ARG A 129 19.64 -18.47 -3.11
C ARG A 129 21.04 -19.07 -3.18
N LYS A 130 21.07 -20.41 -3.11
CA LYS A 130 22.34 -21.14 -3.18
C LYS A 130 23.01 -20.95 -4.55
N SER A 131 22.23 -20.99 -5.62
CA SER A 131 22.80 -20.97 -6.96
C SER A 131 21.80 -20.28 -7.89
N ASN A 132 22.33 -19.74 -8.98
CA ASN A 132 21.50 -19.03 -9.95
C ASN A 132 20.43 -19.94 -10.55
N LEU A 133 19.34 -19.33 -10.99
CA LEU A 133 18.30 -20.06 -11.68
C LEU A 133 18.74 -20.51 -13.07
N LYS A 134 18.22 -21.67 -13.49
CA LYS A 134 18.17 -22.01 -14.89
C LYS A 134 17.12 -21.13 -15.59
N PRO A 135 17.26 -20.91 -16.90
CA PRO A 135 16.27 -20.10 -17.63
C PRO A 135 14.85 -20.66 -17.48
N PHE A 136 13.93 -19.77 -17.11
CA PHE A 136 12.54 -20.10 -16.75
C PHE A 136 12.42 -21.12 -15.63
N GLU A 137 13.45 -21.29 -14.80
CA GLU A 137 13.27 -22.02 -13.54
C GLU A 137 12.35 -21.23 -12.62
N ARG A 138 11.60 -21.94 -11.79
CA ARG A 138 10.65 -21.30 -10.87
C ARG A 138 10.57 -22.15 -9.60
N ASP A 139 11.09 -21.61 -8.50
CA ASP A 139 10.92 -22.22 -7.18
C ASP A 139 10.15 -21.28 -6.25
N ILE A 140 8.92 -21.68 -5.93
CA ILE A 140 8.10 -20.99 -4.93
C ILE A 140 8.50 -21.41 -3.52
N SER A 141 9.63 -22.11 -3.40
CA SER A 141 9.98 -22.78 -2.15
C SER A 141 10.27 -21.79 -1.04
N THR A 142 9.58 -21.96 0.09
CA THR A 142 9.68 -21.09 1.25
C THR A 142 10.81 -21.47 2.19
N GLU A 143 11.48 -22.60 1.94
CA GLU A 143 12.46 -23.15 2.87
C GLU A 143 13.56 -22.15 3.20
N ILE A 144 13.86 -22.02 4.50
CA ILE A 144 14.85 -21.06 4.98
C ILE A 144 16.23 -21.35 4.42
N TYR A 145 16.95 -20.29 4.09
CA TYR A 145 18.26 -20.38 3.45
C TYR A 145 19.35 -20.34 4.51
N GLN A 146 20.38 -21.17 4.32
CA GLN A 146 21.51 -21.25 5.23
C GLN A 146 22.74 -20.67 4.54
N ALA A 147 23.33 -19.65 5.14
CA ALA A 147 24.51 -19.00 4.58
C ALA A 147 25.81 -19.56 5.12
N GLY A 148 25.82 -19.99 6.38
CA GLY A 148 27.02 -20.50 7.00
C GLY A 148 27.12 -22.02 6.97
N SER A 149 28.20 -22.51 7.61
CA SER A 149 28.34 -23.93 7.89
C SER A 149 27.41 -24.41 8.99
N THR A 150 26.91 -23.50 9.81
CA THR A 150 26.05 -23.89 10.93
C THR A 150 24.64 -24.20 10.43
N PRO A 151 24.12 -25.39 10.67
CA PRO A 151 22.77 -25.74 10.22
C PRO A 151 21.71 -24.84 10.84
N CYS A 152 20.72 -24.48 10.03
CA CYS A 152 19.73 -23.50 10.44
C CYS A 152 18.60 -24.13 11.24
N ASN A 153 18.26 -25.38 10.95
CA ASN A 153 17.26 -26.17 11.69
C ASN A 153 15.89 -25.48 11.72
N GLY A 154 15.60 -24.65 10.73
CA GLY A 154 14.28 -24.05 10.64
C GLY A 154 14.02 -22.88 11.57
N VAL A 155 15.07 -22.29 12.14
CA VAL A 155 14.95 -21.11 12.98
C VAL A 155 15.89 -20.05 12.45
N GLU A 156 15.37 -18.84 12.23
CA GLU A 156 16.18 -17.75 11.72
C GLU A 156 17.27 -17.36 12.72
N GLY A 157 18.49 -17.17 12.22
CA GLY A 157 19.64 -16.97 13.08
C GLY A 157 20.73 -16.20 12.38
N PHE A 158 21.84 -16.03 13.10
CA PHE A 158 22.85 -15.03 12.75
C PHE A 158 23.47 -15.27 11.37
N ASN A 159 23.48 -16.52 10.90
CA ASN A 159 23.93 -16.81 9.53
C ASN A 159 22.92 -17.64 8.76
N CYS A 160 21.63 -17.53 9.08
CA CYS A 160 20.62 -18.11 8.21
C CYS A 160 19.34 -17.29 8.27
N TYR A 161 18.77 -17.00 7.11
CA TYR A 161 17.86 -15.88 6.92
C TYR A 161 16.66 -16.34 6.11
N PHE A 162 15.50 -15.75 6.40
CA PHE A 162 14.34 -15.96 5.56
C PHE A 162 14.60 -15.39 4.16
N PRO A 163 14.37 -16.16 3.10
CA PRO A 163 14.97 -15.85 1.80
C PRO A 163 14.27 -14.73 1.03
N LEU A 164 13.10 -14.28 1.45
CA LEU A 164 12.31 -13.32 0.70
C LEU A 164 12.27 -11.96 1.39
N GLN A 165 12.49 -10.89 0.62
CA GLN A 165 12.30 -9.51 1.07
C GLN A 165 11.11 -8.87 0.36
N SER A 166 10.27 -8.18 1.13
CA SER A 166 9.25 -7.32 0.55
C SER A 166 9.86 -6.07 -0.06
N TYR A 167 9.29 -5.63 -1.19
CA TYR A 167 9.83 -4.47 -1.90
C TYR A 167 9.55 -3.15 -1.18
N GLY A 168 8.35 -3.00 -0.62
CA GLY A 168 8.03 -1.77 0.08
C GLY A 168 7.83 -0.56 -0.82
N PHE A 169 6.77 -0.54 -1.62
CA PHE A 169 6.50 0.57 -2.53
C PHE A 169 5.66 1.63 -1.83
N GLN A 170 6.32 2.69 -1.34
CA GLN A 170 5.57 3.88 -1.00
C GLN A 170 5.40 4.79 -2.21
N PRO A 171 4.35 5.62 -2.24
CA PRO A 171 4.16 6.55 -3.37
C PRO A 171 5.27 7.58 -3.52
N THR A 172 6.14 7.72 -2.52
CA THR A 172 7.17 8.75 -2.45
C THR A 172 8.53 8.26 -2.94
N ASN A 173 8.69 6.97 -3.21
CA ASN A 173 10.01 6.36 -3.36
C ASN A 173 10.77 6.81 -4.60
N GLY A 174 10.13 7.52 -5.53
CA GLY A 174 10.79 7.92 -6.75
C GLY A 174 10.80 6.86 -7.84
N VAL A 175 11.07 7.33 -9.05
CA VAL A 175 10.87 6.59 -10.30
C VAL A 175 11.71 5.30 -10.33
N GLY A 176 12.88 5.31 -9.68
CA GLY A 176 13.68 4.10 -9.64
C GLY A 176 13.20 3.05 -8.67
N TYR A 177 12.55 3.46 -7.59
CA TYR A 177 12.04 2.53 -6.59
C TYR A 177 10.54 2.32 -6.71
N GLN A 178 9.87 2.97 -7.65
CA GLN A 178 8.46 2.70 -7.89
C GLN A 178 8.27 1.30 -8.48
N PRO A 179 7.08 0.72 -8.30
CA PRO A 179 6.79 -0.55 -8.96
C PRO A 179 6.55 -0.41 -10.46
N TYR A 180 7.07 -1.37 -11.21
CA TYR A 180 6.74 -1.57 -12.61
C TYR A 180 6.16 -2.96 -12.79
N ARG A 181 5.00 -3.03 -13.43
CA ARG A 181 4.49 -4.29 -13.97
C ARG A 181 5.26 -4.65 -15.23
N VAL A 182 5.74 -5.89 -15.29
CA VAL A 182 6.45 -6.42 -16.44
C VAL A 182 5.64 -7.54 -17.05
N VAL A 183 5.55 -7.56 -18.37
CA VAL A 183 5.09 -8.74 -19.12
C VAL A 183 6.20 -9.13 -20.10
N VAL A 184 6.64 -10.39 -20.01
CA VAL A 184 7.58 -10.97 -20.96
C VAL A 184 6.81 -11.91 -21.88
N LEU A 185 6.49 -11.43 -23.09
CA LEU A 185 5.90 -12.28 -24.12
C LEU A 185 7.03 -13.06 -24.79
N SER A 186 7.02 -14.38 -24.64
CA SER A 186 8.03 -15.25 -25.22
C SER A 186 7.43 -16.10 -26.34
N PHE A 187 8.21 -16.31 -27.40
CA PHE A 187 7.79 -17.02 -28.58
C PHE A 187 8.62 -18.28 -28.75
N GLU A 188 8.05 -19.28 -29.42
CA GLU A 188 8.84 -20.33 -30.06
C GLU A 188 8.38 -20.55 -31.50
N LEU A 189 9.36 -20.77 -32.39
CA LEU A 189 9.18 -20.55 -33.82
C LEU A 189 9.13 -21.83 -34.64
N LEU A 190 9.63 -22.95 -34.10
CA LEU A 190 10.06 -24.06 -34.97
C LEU A 190 8.88 -24.80 -35.60
N HIS A 191 7.85 -25.11 -34.82
CA HIS A 191 7.00 -26.25 -35.13
C HIS A 191 6.01 -25.95 -36.26
N ALA A 192 5.65 -27.02 -36.98
CA ALA A 192 4.70 -26.93 -38.08
C ALA A 192 3.33 -26.33 -37.73
N PRO A 193 2.68 -26.64 -36.58
CA PRO A 193 1.38 -26.01 -36.31
C PRO A 193 1.47 -24.59 -35.79
N ALA A 194 1.43 -23.63 -36.71
CA ALA A 194 1.23 -22.23 -36.35
C ALA A 194 -0.12 -22.05 -35.67
N THR A 195 -0.10 -21.46 -34.48
CA THR A 195 -1.17 -21.62 -33.51
C THR A 195 -1.59 -20.26 -32.93
N VAL A 196 -0.65 -19.31 -32.90
CA VAL A 196 -0.97 -17.92 -32.67
C VAL A 196 -0.47 -17.10 -33.86
N CYS A 197 -1.35 -16.24 -34.37
CA CYS A 197 -1.31 -15.80 -35.76
C CYS A 197 -1.52 -14.29 -35.82
N GLY A 198 -0.95 -13.67 -36.84
CA GLY A 198 -1.14 -12.26 -37.10
C GLY A 198 -2.46 -11.98 -37.81
N PRO A 199 -2.81 -10.70 -37.89
CA PRO A 199 -4.11 -10.32 -38.46
C PRO A 199 -4.14 -10.26 -39.98
N LYS A 200 -3.21 -10.94 -40.66
CA LYS A 200 -3.20 -10.94 -42.12
C LYS A 200 -4.39 -11.71 -42.67
N LYS A 201 -4.87 -11.27 -43.84
CA LYS A 201 -5.90 -12.02 -44.55
C LYS A 201 -5.29 -12.89 -45.64
N GLN B 1 -27.02 6.21 1.48
CA GLN B 1 -26.76 6.95 2.71
C GLN B 1 -25.32 7.42 2.77
N ILE B 2 -25.12 8.66 3.22
CA ILE B 2 -23.78 9.20 3.38
C ILE B 2 -23.04 8.44 4.49
N THR B 3 -21.71 8.34 4.33
CA THR B 3 -20.83 7.53 5.16
C THR B 3 -21.07 7.73 6.65
N LEU B 4 -21.36 6.64 7.35
CA LEU B 4 -21.71 6.70 8.77
C LEU B 4 -21.36 5.35 9.38
N LYS B 5 -21.12 5.35 10.70
CA LYS B 5 -20.66 4.14 11.37
C LYS B 5 -20.96 4.22 12.86
N GLU B 6 -20.88 3.06 13.50
CA GLU B 6 -21.22 2.87 14.91
C GLU B 6 -20.30 1.83 15.50
N SER B 7 -20.39 1.64 16.82
CA SER B 7 -19.53 0.70 17.52
C SER B 7 -20.31 -0.03 18.60
N GLY B 8 -19.68 -1.07 19.16
CA GLY B 8 -20.34 -2.08 19.97
C GLY B 8 -20.30 -1.87 21.47
N PRO B 9 -19.84 -2.88 22.20
CA PRO B 9 -20.06 -2.96 23.64
C PRO B 9 -19.15 -2.06 24.44
N THR B 10 -19.50 -1.90 25.73
CA THR B 10 -18.76 -1.05 26.66
C THR B 10 -18.31 -1.74 27.94
N LEU B 11 -18.94 -2.85 28.34
CA LEU B 11 -18.56 -3.52 29.57
C LEU B 11 -17.25 -4.28 29.38
N VAL B 12 -16.38 -4.19 30.39
CA VAL B 12 -15.07 -4.84 30.35
C VAL B 12 -14.83 -5.54 31.68
N LYS B 13 -14.09 -6.65 31.62
CA LYS B 13 -13.35 -7.21 32.73
C LYS B 13 -11.91 -7.47 32.27
N PRO B 14 -10.94 -7.47 33.22
CA PRO B 14 -9.52 -7.43 32.81
C PRO B 14 -8.99 -8.54 31.92
N THR B 15 -9.08 -9.80 32.35
CA THR B 15 -8.41 -10.89 31.62
C THR B 15 -9.36 -11.49 30.57
N GLN B 16 -9.87 -10.61 29.73
CA GLN B 16 -10.89 -10.93 28.73
C GLN B 16 -10.59 -10.14 27.46
N THR B 17 -11.08 -10.66 26.34
CA THR B 17 -10.96 -9.95 25.08
C THR B 17 -12.01 -8.83 25.01
N LEU B 18 -11.60 -7.69 24.46
CA LEU B 18 -12.52 -6.55 24.39
C LEU B 18 -13.63 -6.76 23.38
N THR B 19 -13.36 -7.46 22.29
CA THR B 19 -14.37 -7.94 21.33
C THR B 19 -15.28 -6.79 20.88
N LEU B 20 -14.64 -5.71 20.45
CA LEU B 20 -15.38 -4.60 19.85
C LEU B 20 -15.87 -4.98 18.46
N THR B 21 -16.90 -4.26 18.00
CA THR B 21 -17.25 -4.26 16.59
C THR B 21 -17.44 -2.83 16.09
N CYS B 22 -17.28 -2.69 14.78
CA CYS B 22 -17.61 -1.48 14.03
C CYS B 22 -18.39 -1.90 12.81
N THR B 23 -19.40 -1.10 12.45
CA THR B 23 -20.20 -1.38 11.27
C THR B 23 -20.55 -0.06 10.61
N PHE B 24 -20.73 -0.12 9.29
CA PHE B 24 -20.63 1.08 8.47
C PHE B 24 -21.58 1.01 7.29
N SER B 25 -21.73 2.15 6.62
CA SER B 25 -22.64 2.30 5.50
C SER B 25 -22.08 3.35 4.57
N GLY B 26 -22.50 3.30 3.30
CA GLY B 26 -22.09 4.27 2.31
C GLY B 26 -20.73 4.04 1.70
N PHE B 27 -19.96 3.07 2.17
CA PHE B 27 -18.77 2.60 1.48
C PHE B 27 -18.69 1.09 1.65
N SER B 28 -18.05 0.43 0.70
CA SER B 28 -17.97 -1.02 0.70
C SER B 28 -16.83 -1.57 1.54
N LEU B 29 -15.76 -0.80 1.71
CA LEU B 29 -14.46 -1.25 2.23
C LEU B 29 -13.89 -2.39 1.37
N SER B 30 -14.34 -2.49 0.13
CA SER B 30 -13.74 -3.34 -0.88
C SER B 30 -13.33 -2.55 -2.11
N THR B 31 -13.84 -1.33 -2.26
CA THR B 31 -13.39 -0.44 -3.31
C THR B 31 -11.94 -0.07 -3.08
N ILE B 32 -11.15 -0.08 -4.16
CA ILE B 32 -9.71 0.17 -4.08
C ILE B 32 -9.44 1.51 -3.41
N GLY B 33 -8.60 1.47 -2.37
CA GLY B 33 -8.23 2.65 -1.63
C GLY B 33 -8.95 2.85 -0.31
N VAL B 34 -10.12 2.23 -0.12
CA VAL B 34 -10.85 2.40 1.12
C VAL B 34 -10.16 1.64 2.25
N GLY B 35 -9.96 2.30 3.38
CA GLY B 35 -9.49 1.65 4.58
C GLY B 35 -10.19 2.18 5.81
N VAL B 36 -10.10 1.41 6.89
CA VAL B 36 -10.69 1.78 8.17
C VAL B 36 -9.66 1.51 9.27
N SER B 37 -9.50 2.48 10.16
CA SER B 37 -8.44 2.44 11.15
C SER B 37 -9.04 2.63 12.54
N TRP B 38 -8.41 1.97 13.52
CA TRP B 38 -8.84 2.01 14.91
C TRP B 38 -7.96 2.94 15.73
N ILE B 39 -8.60 3.88 16.43
CA ILE B 39 -7.90 4.89 17.21
C ILE B 39 -8.55 4.92 18.59
N ARG B 40 -7.74 4.80 19.63
CA ARG B 40 -8.25 4.94 20.99
C ARG B 40 -7.74 6.22 21.63
N GLN B 41 -8.40 6.60 22.72
CA GLN B 41 -8.07 7.79 23.48
C GLN B 41 -8.38 7.56 24.95
N PRO B 42 -7.37 7.51 25.82
CA PRO B 42 -7.63 7.57 27.25
C PRO B 42 -8.23 8.90 27.62
N PRO B 43 -9.09 8.93 28.65
CA PRO B 43 -9.85 10.15 28.95
C PRO B 43 -8.94 11.32 29.29
N GLY B 44 -9.13 12.41 28.56
CA GLY B 44 -8.29 13.58 28.73
C GLY B 44 -6.86 13.41 28.29
N LYS B 45 -6.57 12.43 27.44
CA LYS B 45 -5.21 12.15 27.01
C LYS B 45 -5.12 12.22 25.48
N ALA B 46 -3.92 11.93 24.98
CA ALA B 46 -3.66 11.88 23.54
C ALA B 46 -4.53 10.83 22.85
N LEU B 47 -4.68 11.01 21.54
CA LEU B 47 -5.07 9.92 20.66
C LEU B 47 -3.95 8.88 20.58
N ASP B 48 -4.35 7.62 20.39
CA ASP B 48 -3.40 6.52 20.27
C ASP B 48 -3.83 5.62 19.12
N TRP B 49 -3.10 5.68 18.01
CA TRP B 49 -3.44 4.91 16.83
C TRP B 49 -3.20 3.42 17.11
N LEU B 50 -4.24 2.61 16.96
CA LEU B 50 -4.12 1.18 17.25
C LEU B 50 -3.76 0.35 16.02
N ALA B 51 -4.57 0.44 14.97
CA ALA B 51 -4.49 -0.54 13.89
C ALA B 51 -5.18 0.01 12.66
N LEU B 52 -4.88 -0.60 11.52
CA LEU B 52 -5.53 -0.28 10.26
C LEU B 52 -5.64 -1.56 9.43
N ILE B 53 -6.78 -1.74 8.78
CA ILE B 53 -6.94 -2.73 7.73
C ILE B 53 -7.20 -2.00 6.42
N TYR B 54 -6.51 -2.41 5.37
CA TYR B 54 -6.79 -1.91 4.03
C TYR B 54 -7.80 -2.79 3.31
N TRP B 55 -8.25 -2.29 2.15
CA TRP B 55 -8.69 -3.15 1.06
C TRP B 55 -7.65 -4.22 0.76
N ASP B 56 -8.12 -5.37 0.29
CA ASP B 56 -7.29 -6.54 0.02
C ASP B 56 -6.54 -7.02 1.26
N ASP B 57 -7.21 -6.89 2.42
CA ASP B 57 -6.92 -7.69 3.61
C ASP B 57 -5.46 -7.51 4.09
N ASP B 58 -4.89 -6.33 3.89
CA ASP B 58 -3.60 -6.01 4.47
C ASP B 58 -3.84 -5.38 5.84
N LYS B 59 -3.16 -5.90 6.85
CA LYS B 59 -3.36 -5.51 8.24
C LYS B 59 -2.12 -4.85 8.80
N ARG B 60 -2.33 -3.79 9.60
CA ARG B 60 -1.25 -3.07 10.27
C ARG B 60 -1.63 -2.87 11.73
N TYR B 61 -0.63 -2.94 12.61
CA TYR B 61 -0.85 -2.78 14.04
C TYR B 61 0.19 -1.82 14.63
N SER B 62 -0.21 -1.16 15.71
CA SER B 62 0.75 -0.48 16.58
C SER B 62 1.76 -1.48 17.14
N PRO B 63 3.06 -1.23 16.99
CA PRO B 63 4.07 -2.28 17.26
C PRO B 63 4.04 -2.82 18.68
N SER B 64 3.81 -1.95 19.67
CA SER B 64 3.77 -2.35 21.07
C SER B 64 2.57 -3.23 21.41
N LEU B 65 1.58 -3.33 20.53
CA LEU B 65 0.46 -4.24 20.74
C LEU B 65 0.38 -5.36 19.72
N LYS B 66 1.34 -5.44 18.78
CA LYS B 66 1.23 -6.38 17.66
C LYS B 66 1.16 -7.82 18.15
N SER B 67 1.88 -8.14 19.24
CA SER B 67 1.80 -9.47 19.83
C SER B 67 0.47 -9.72 20.54
N ARG B 68 -0.34 -8.69 20.75
CA ARG B 68 -1.41 -8.73 21.74
C ARG B 68 -2.73 -8.23 21.14
N LEU B 69 -2.76 -7.96 19.85
CA LEU B 69 -3.86 -7.29 19.17
C LEU B 69 -4.08 -7.96 17.82
N THR B 70 -5.34 -8.21 17.48
CA THR B 70 -5.69 -8.62 16.13
C THR B 70 -6.99 -7.95 15.69
N VAL B 71 -7.09 -7.74 14.38
CA VAL B 71 -8.25 -7.15 13.73
C VAL B 71 -8.61 -8.03 12.54
N THR B 72 -9.91 -8.12 12.26
CA THR B 72 -10.40 -8.95 11.16
C THR B 72 -11.75 -8.41 10.70
N MET B 73 -12.19 -8.88 9.52
CA MET B 73 -13.24 -8.23 8.78
C MET B 73 -14.19 -9.25 8.18
N ASP B 74 -15.34 -8.76 7.73
CA ASP B 74 -16.27 -9.51 6.90
C ASP B 74 -16.74 -8.61 5.76
N THR B 75 -16.32 -8.91 4.54
CA THR B 75 -16.75 -8.14 3.37
C THR B 75 -18.26 -8.17 3.16
N SER B 76 -18.96 -9.19 3.68
CA SER B 76 -20.39 -9.33 3.44
C SER B 76 -21.26 -8.60 4.44
N LYS B 77 -20.89 -8.62 5.73
CA LYS B 77 -21.71 -7.99 6.74
C LYS B 77 -21.48 -6.48 6.84
N ASN B 78 -20.41 -5.99 6.19
CA ASN B 78 -19.90 -4.63 6.35
C ASN B 78 -19.54 -4.35 7.82
N GLN B 79 -18.76 -5.26 8.39
CA GLN B 79 -18.36 -5.20 9.78
C GLN B 79 -16.84 -5.28 9.88
N VAL B 80 -16.29 -4.63 10.90
CA VAL B 80 -14.95 -4.90 11.37
C VAL B 80 -15.04 -5.18 12.86
N VAL B 81 -14.26 -6.15 13.34
CA VAL B 81 -14.19 -6.46 14.77
C VAL B 81 -12.74 -6.43 15.23
N LEU B 82 -12.51 -5.80 16.39
CA LEU B 82 -11.21 -5.70 17.01
C LEU B 82 -11.26 -6.43 18.34
N THR B 83 -10.25 -7.26 18.60
CA THR B 83 -10.16 -8.07 19.81
C THR B 83 -8.78 -7.87 20.41
N LEU B 84 -8.63 -6.81 21.20
CA LEU B 84 -7.58 -6.74 22.20
C LEU B 84 -7.79 -7.85 23.24
N THR B 85 -6.75 -8.65 23.47
CA THR B 85 -6.92 -9.94 24.13
C THR B 85 -7.02 -9.86 25.64
N ASN B 86 -6.53 -8.81 26.29
CA ASN B 86 -6.54 -8.75 27.75
C ASN B 86 -6.38 -7.30 28.19
N MET B 87 -7.42 -6.77 28.85
CA MET B 87 -7.40 -5.40 29.34
C MET B 87 -6.53 -5.29 30.58
N ASP B 88 -5.53 -4.42 30.52
CA ASP B 88 -4.88 -3.77 31.65
C ASP B 88 -5.40 -2.33 31.72
N PRO B 89 -5.65 -1.80 32.92
CA PRO B 89 -6.47 -0.57 33.03
C PRO B 89 -5.95 0.63 32.26
N VAL B 90 -4.66 0.64 31.88
CA VAL B 90 -4.18 1.62 30.91
C VAL B 90 -4.94 1.52 29.59
N ASP B 91 -5.44 0.33 29.22
CA ASP B 91 -6.24 0.17 28.02
C ASP B 91 -7.66 0.72 28.13
N THR B 92 -8.10 1.15 29.31
CA THR B 92 -9.40 1.81 29.41
C THR B 92 -9.37 3.15 28.67
N ALA B 93 -10.32 3.33 27.75
CA ALA B 93 -10.29 4.45 26.81
C ALA B 93 -11.62 4.50 26.09
N THR B 94 -11.83 5.61 25.37
CA THR B 94 -12.74 5.61 24.23
C THR B 94 -12.03 5.00 23.02
N TYR B 95 -12.74 4.13 22.31
CA TYR B 95 -12.26 3.52 21.07
C TYR B 95 -13.06 4.05 19.88
N PHE B 96 -12.35 4.44 18.82
CA PHE B 96 -12.96 4.93 17.59
C PHE B 96 -12.61 4.02 16.42
N CYS B 97 -13.54 3.92 15.47
CA CYS B 97 -13.24 3.42 14.13
C CYS B 97 -13.48 4.55 13.14
N ALA B 98 -12.45 4.88 12.36
CA ALA B 98 -12.51 5.95 11.38
C ALA B 98 -12.24 5.45 9.97
N HIS B 99 -13.02 5.94 9.01
CA HIS B 99 -12.84 5.65 7.60
C HIS B 99 -11.72 6.50 7.02
N GLY B 100 -11.06 5.98 5.99
CA GLY B 100 -10.18 6.82 5.21
C GLY B 100 -9.91 6.26 3.84
N LEU B 101 -9.14 7.04 3.07
CA LEU B 101 -8.73 6.69 1.71
C LEU B 101 -7.21 6.57 1.63
N PHE B 102 -6.73 5.51 0.99
CA PHE B 102 -5.37 5.04 1.22
C PHE B 102 -4.68 4.54 -0.06
N SER B 103 -5.30 4.68 -1.23
CA SER B 103 -4.62 4.33 -2.46
C SER B 103 -3.54 5.37 -2.80
N SER B 104 -2.80 5.08 -3.87
CA SER B 104 -1.70 5.94 -4.32
C SER B 104 -2.12 7.39 -4.55
N SER B 105 -3.36 7.62 -4.99
CA SER B 105 -3.86 8.97 -5.16
C SER B 105 -4.23 9.66 -3.86
N ASP B 106 -4.34 8.90 -2.78
CA ASP B 106 -4.95 9.36 -1.54
C ASP B 106 -3.88 9.67 -0.49
N TRP B 107 -4.35 10.12 0.67
CA TRP B 107 -3.49 10.73 1.67
C TRP B 107 -3.64 10.13 3.05
N GLY B 108 -4.45 9.09 3.22
CA GLY B 108 -4.69 8.53 4.54
C GLY B 108 -5.38 9.50 5.47
N GLY B 109 -6.24 10.36 4.92
CA GLY B 109 -7.08 11.21 5.74
C GLY B 109 -8.20 10.43 6.37
N LEU B 110 -8.23 10.37 7.70
CA LEU B 110 -9.35 9.78 8.43
C LEU B 110 -10.52 10.75 8.44
N ASP B 111 -11.25 10.74 7.32
CA ASP B 111 -12.13 11.85 6.97
C ASP B 111 -13.47 11.83 7.69
N VAL B 112 -13.94 10.67 8.16
CA VAL B 112 -15.19 10.59 8.91
C VAL B 112 -15.06 9.55 10.02
N TRP B 113 -15.57 9.90 11.19
CA TRP B 113 -15.37 9.12 12.41
C TRP B 113 -16.72 8.73 13.00
N GLY B 114 -16.76 7.57 13.66
CA GLY B 114 -17.86 7.26 14.53
C GLY B 114 -17.79 8.00 15.85
N GLN B 115 -18.91 8.04 16.56
CA GLN B 115 -18.94 8.68 17.87
C GLN B 115 -18.11 7.93 18.91
N GLY B 116 -17.68 6.70 18.61
CA GLY B 116 -16.86 5.93 19.51
C GLY B 116 -17.59 5.38 20.72
N THR B 117 -16.92 4.49 21.46
CA THR B 117 -17.48 3.88 22.65
C THR B 117 -16.44 3.89 23.76
N THR B 118 -16.88 4.21 24.97
CA THR B 118 -16.06 3.98 26.15
C THR B 118 -15.93 2.49 26.41
N VAL B 119 -14.78 2.08 26.91
CA VAL B 119 -14.60 0.75 27.52
C VAL B 119 -14.31 0.94 29.00
N THR B 120 -15.05 0.24 29.83
CA THR B 120 -14.98 0.39 31.28
C THR B 120 -13.75 -0.27 31.88
N ASP C 1 13.11 3.97 14.98
CA ASP C 1 11.75 4.19 15.43
C ASP C 1 11.21 5.50 14.87
N MET C 2 9.93 5.77 15.11
CA MET C 2 9.32 7.05 14.80
C MET C 2 8.73 7.65 16.06
N GLN C 3 8.85 8.98 16.19
CA GLN C 3 8.26 9.74 17.28
C GLN C 3 7.74 11.06 16.74
N MET C 4 6.81 11.65 17.47
CA MET C 4 6.08 12.82 16.99
C MET C 4 5.80 13.72 18.18
N THR C 5 6.11 15.01 18.03
CA THR C 5 5.95 15.97 19.12
C THR C 5 5.36 17.26 18.58
N GLN C 6 4.73 18.01 19.49
CA GLN C 6 4.17 19.31 19.16
C GLN C 6 4.63 20.34 20.20
N SER C 7 5.05 21.51 19.72
CA SER C 7 5.87 22.39 20.56
C SER C 7 5.07 23.06 21.67
N PRO C 8 4.00 23.87 21.40
CA PRO C 8 3.25 24.44 22.52
C PRO C 8 2.22 23.49 23.12
N SER C 9 2.65 22.70 24.10
CA SER C 9 1.78 21.70 24.74
C SER C 9 0.44 22.27 25.19
N SER C 10 0.41 23.53 25.61
CA SER C 10 -0.81 24.32 25.51
C SER C 10 -0.44 25.77 25.22
N LEU C 11 -1.33 26.44 24.49
CA LEU C 11 -1.11 27.82 24.09
C LEU C 11 -2.30 28.66 24.52
N SER C 12 -2.03 29.75 25.23
CA SER C 12 -3.08 30.72 25.53
C SER C 12 -3.36 31.59 24.31
N ALA C 13 -4.64 31.91 24.12
CA ALA C 13 -5.09 32.60 22.92
C ALA C 13 -6.37 33.34 23.25
N SER C 14 -6.78 34.24 22.35
CA SER C 14 -8.02 34.97 22.51
C SER C 14 -8.67 35.15 21.14
N VAL C 15 -9.98 35.39 21.17
CA VAL C 15 -10.77 35.51 19.95
C VAL C 15 -10.22 36.58 19.02
N GLY C 16 -10.25 36.30 17.72
CA GLY C 16 -9.66 37.16 16.72
C GLY C 16 -8.16 37.05 16.52
N ASP C 17 -7.43 36.51 17.49
CA ASP C 17 -5.98 36.40 17.35
C ASP C 17 -5.60 35.44 16.24
N ARG C 18 -4.45 35.73 15.62
CA ARG C 18 -3.71 34.69 14.91
C ARG C 18 -3.17 33.69 15.92
N VAL C 19 -3.17 32.41 15.52
CA VAL C 19 -2.55 31.36 16.32
C VAL C 19 -1.87 30.38 15.38
N THR C 20 -0.81 29.74 15.88
CA THR C 20 -0.07 28.76 15.09
C THR C 20 0.35 27.57 15.95
N ILE C 21 0.29 26.39 15.35
CA ILE C 21 0.59 25.12 15.99
C ILE C 21 1.65 24.44 15.13
N THR C 22 2.66 23.84 15.76
CA THR C 22 3.82 23.34 15.04
C THR C 22 4.11 21.89 15.40
N CYS C 23 4.35 21.08 14.37
CA CYS C 23 4.60 19.65 14.49
C CYS C 23 6.00 19.37 13.99
N ARG C 24 6.76 18.56 14.74
CA ARG C 24 8.03 18.04 14.29
C ARG C 24 7.92 16.53 14.16
N ALA C 25 8.18 16.01 12.96
CA ALA C 25 8.16 14.59 12.68
C ALA C 25 9.59 14.08 12.53
N SER C 26 9.92 13.02 13.28
CA SER C 26 11.31 12.61 13.46
C SER C 26 11.96 12.26 12.13
N GLN C 27 11.35 11.33 11.38
CA GLN C 27 11.79 11.04 10.02
C GLN C 27 11.04 11.92 9.03
N SER C 28 11.57 11.98 7.81
CA SER C 28 10.90 12.68 6.73
C SER C 28 9.56 12.03 6.40
N VAL C 29 8.47 12.80 6.57
CA VAL C 29 7.13 12.30 6.33
C VAL C 29 6.58 12.78 4.98
N PHE C 30 7.40 13.50 4.22
CA PHE C 30 7.03 14.15 2.95
C PHE C 30 5.83 15.06 3.23
N THR C 31 4.72 14.93 2.50
CA THR C 31 3.53 15.72 2.76
C THR C 31 2.42 14.93 3.45
N TYR C 32 2.67 13.68 3.82
CA TYR C 32 1.64 12.80 4.38
C TYR C 32 1.42 13.11 5.86
N LEU C 33 0.98 14.32 6.14
CA LEU C 33 0.63 14.71 7.50
C LEU C 33 -0.74 15.38 7.55
N ASN C 34 -1.49 15.07 8.60
CA ASN C 34 -2.88 15.45 8.77
C ASN C 34 -3.01 16.33 10.02
N TRP C 35 -4.07 17.12 10.08
CA TRP C 35 -4.41 17.85 11.30
C TRP C 35 -5.84 17.57 11.68
N TYR C 36 -6.06 17.25 12.95
CA TYR C 36 -7.37 17.02 13.53
C TYR C 36 -7.61 17.97 14.68
N GLN C 37 -8.87 18.38 14.87
CA GLN C 37 -9.29 19.05 16.08
C GLN C 37 -10.32 18.18 16.79
N GLN C 38 -10.34 18.28 18.11
CA GLN C 38 -11.32 17.55 18.92
C GLN C 38 -11.96 18.46 19.95
N LYS C 39 -13.29 18.44 19.99
CA LYS C 39 -14.09 18.99 21.08
C LYS C 39 -14.34 17.89 22.11
N PRO C 40 -14.16 18.17 23.40
CA PRO C 40 -14.23 17.13 24.43
C PRO C 40 -15.46 16.23 24.32
N GLY C 41 -15.23 14.93 24.32
CA GLY C 41 -16.27 13.93 24.28
C GLY C 41 -16.86 13.69 22.91
N LYS C 42 -16.48 14.47 21.91
CA LYS C 42 -16.80 14.23 20.51
C LYS C 42 -15.64 13.54 19.81
N ALA C 43 -15.94 12.90 18.69
CA ALA C 43 -14.90 12.36 17.84
C ALA C 43 -14.11 13.49 17.18
N PRO C 44 -12.82 13.28 16.94
CA PRO C 44 -12.03 14.27 16.20
C PRO C 44 -12.59 14.52 14.80
N LYS C 45 -12.40 15.75 14.33
CA LYS C 45 -12.74 16.11 12.96
C LYS C 45 -11.46 16.38 12.19
N LEU C 46 -11.31 15.73 11.05
CA LEU C 46 -10.20 16.02 10.15
C LEU C 46 -10.35 17.40 9.54
N LEU C 47 -9.32 18.23 9.68
CA LEU C 47 -9.24 19.52 9.03
C LEU C 47 -8.39 19.53 7.76
N ILE C 48 -7.19 18.96 7.81
CA ILE C 48 -6.23 19.05 6.71
C ILE C 48 -5.89 17.66 6.16
N TYR C 49 -6.09 17.46 4.84
CA TYR C 49 -5.73 16.18 4.23
C TYR C 49 -4.24 15.98 4.22
N ALA C 50 -3.52 16.99 3.76
CA ALA C 50 -2.07 16.98 3.58
C ALA C 50 -1.65 18.43 3.68
N ALA C 51 -0.38 18.65 4.03
CA ALA C 51 0.12 20.00 4.29
C ALA C 51 -0.25 20.95 3.15
N SER C 52 -1.02 21.99 3.50
CA SER C 52 -1.69 22.99 2.66
C SER C 52 -2.98 22.53 1.99
N ARG C 53 -3.44 21.29 2.17
CA ARG C 53 -4.64 20.80 1.48
C ARG C 53 -5.83 20.84 2.44
N LEU C 54 -6.68 21.86 2.30
CA LEU C 54 -7.82 22.07 3.17
C LEU C 54 -9.03 21.23 2.78
N GLN C 55 -9.72 20.68 3.79
CA GLN C 55 -10.96 19.94 3.56
C GLN C 55 -12.08 20.85 3.05
N SER C 56 -13.08 20.21 2.45
CA SER C 56 -14.40 20.80 2.31
C SER C 56 -15.09 20.84 3.67
N GLY C 57 -16.04 21.77 3.80
CA GLY C 57 -16.72 21.94 5.07
C GLY C 57 -15.87 22.52 6.17
N VAL C 58 -14.72 23.09 5.82
CA VAL C 58 -13.82 23.74 6.78
C VAL C 58 -13.59 25.16 6.29
N PRO C 59 -13.63 26.16 7.16
CA PRO C 59 -13.49 27.54 6.71
C PRO C 59 -12.04 27.91 6.40
N SER C 60 -11.92 28.90 5.50
CA SER C 60 -10.65 29.37 4.97
C SER C 60 -9.67 29.89 6.02
N ARG C 61 -10.12 30.11 7.26
CA ARG C 61 -9.18 30.54 8.29
C ARG C 61 -8.20 29.44 8.68
N PHE C 62 -8.52 28.18 8.42
CA PHE C 62 -7.58 27.10 8.64
C PHE C 62 -6.70 26.93 7.41
N ARG C 63 -5.38 26.88 7.63
CA ARG C 63 -4.45 26.38 6.64
C ARG C 63 -3.20 25.87 7.34
N GLY C 64 -2.48 24.97 6.66
CA GLY C 64 -1.25 24.42 7.20
C GLY C 64 -0.16 24.46 6.16
N SER C 65 1.04 24.11 6.60
CA SER C 65 2.22 24.28 5.75
C SER C 65 3.34 23.38 6.25
N GLY C 66 4.34 23.24 5.40
CA GLY C 66 5.54 22.48 5.71
C GLY C 66 5.69 21.26 4.82
N SER C 67 6.78 20.54 5.06
CA SER C 67 7.12 19.33 4.32
C SER C 67 8.27 18.65 5.05
N GLY C 68 8.43 17.36 4.79
CA GLY C 68 9.56 16.64 5.33
C GLY C 68 9.41 16.32 6.80
N THR C 69 10.21 17.00 7.63
CA THR C 69 10.28 16.73 9.06
C THR C 69 9.52 17.74 9.91
N ASP C 70 9.47 19.01 9.51
CA ASP C 70 8.82 20.06 10.27
C ASP C 70 7.59 20.57 9.52
N PHE C 71 6.49 20.74 10.27
CA PHE C 71 5.20 21.10 9.72
C PHE C 71 4.58 22.14 10.63
N THR C 72 3.66 22.94 10.06
CA THR C 72 2.97 23.94 10.86
C THR C 72 1.50 23.99 10.48
N LEU C 73 0.67 24.41 11.43
CA LEU C 73 -0.72 24.78 11.22
C LEU C 73 -0.90 26.23 11.63
N THR C 74 -1.80 26.94 10.94
CA THR C 74 -2.09 28.33 11.27
C THR C 74 -3.58 28.58 11.15
N ILE C 75 -4.13 29.30 12.12
CA ILE C 75 -5.46 29.90 12.03
C ILE C 75 -5.29 31.41 11.97
N SER C 76 -5.84 32.02 10.92
CA SER C 76 -5.60 33.45 10.69
C SER C 76 -6.26 34.34 11.73
N SER C 77 -7.44 33.96 12.22
CA SER C 77 -8.14 34.76 13.22
C SER C 77 -9.21 33.89 13.87
N LEU C 78 -8.97 33.50 15.12
CA LEU C 78 -9.82 32.56 15.83
C LEU C 78 -11.26 33.07 15.95
N GLN C 79 -12.22 32.27 15.46
CA GLN C 79 -13.55 32.35 16.02
C GLN C 79 -13.58 31.60 17.35
N PRO C 80 -14.49 31.98 18.28
CA PRO C 80 -14.46 31.35 19.61
C PRO C 80 -14.78 29.87 19.60
N GLU C 81 -15.54 29.39 18.61
CA GLU C 81 -15.81 27.97 18.45
C GLU C 81 -14.63 27.18 17.91
N ASP C 82 -13.53 27.83 17.54
CA ASP C 82 -12.31 27.12 17.17
C ASP C 82 -11.49 26.65 18.36
N PHE C 83 -11.83 27.07 19.58
CA PHE C 83 -11.12 26.59 20.76
C PHE C 83 -11.39 25.12 21.00
N ALA C 84 -10.32 24.32 21.00
CA ALA C 84 -10.38 22.87 21.01
C ALA C 84 -8.97 22.36 21.33
N THR C 85 -8.78 21.05 21.26
CA THR C 85 -7.46 20.44 21.22
C THR C 85 -7.16 19.95 19.81
N TYR C 86 -5.90 20.09 19.40
CA TYR C 86 -5.48 19.87 18.03
C TYR C 86 -4.43 18.79 17.96
N TYR C 87 -4.63 17.82 17.07
CA TYR C 87 -3.73 16.69 16.90
C TYR C 87 -3.21 16.67 15.47
N CYS C 88 -1.91 16.52 15.33
CA CYS C 88 -1.32 16.09 14.07
C CYS C 88 -1.34 14.57 13.95
N GLN C 89 -1.28 14.09 12.71
CA GLN C 89 -1.03 12.69 12.41
C GLN C 89 -0.12 12.58 11.21
N GLN C 90 0.82 11.64 11.26
CA GLN C 90 1.64 11.30 10.11
C GLN C 90 1.04 10.08 9.41
N SER C 91 1.03 10.12 8.08
CA SER C 91 0.34 9.13 7.28
C SER C 91 1.28 8.40 6.32
N HIS C 92 2.53 8.17 6.75
CA HIS C 92 3.52 7.60 5.84
C HIS C 92 4.20 6.39 6.47
N SER C 93 4.84 6.59 7.62
CA SER C 93 5.44 5.47 8.32
C SER C 93 4.36 4.64 8.98
N THR C 94 4.45 3.31 8.81
CA THR C 94 3.26 2.47 8.92
C THR C 94 2.50 2.55 10.25
N PRO C 95 3.10 2.84 11.45
CA PRO C 95 2.23 3.20 12.57
C PRO C 95 1.90 4.70 12.57
N PHE C 96 0.65 5.02 12.23
CA PHE C 96 0.25 6.41 11.97
C PHE C 96 0.05 7.17 13.29
N ILE C 97 1.14 7.24 14.06
CA ILE C 97 1.12 7.85 15.39
C ILE C 97 0.62 9.28 15.33
N PHE C 98 -0.24 9.64 16.29
CA PHE C 98 -0.60 11.04 16.50
C PHE C 98 0.40 11.74 17.41
N GLY C 99 0.47 13.06 17.26
CA GLY C 99 1.17 13.90 18.20
C GLY C 99 0.52 13.97 19.57
N PRO C 100 1.20 14.64 20.51
CA PRO C 100 0.70 14.68 21.89
C PRO C 100 -0.50 15.59 22.08
N GLY C 101 -0.89 16.36 21.08
CA GLY C 101 -2.02 17.27 21.21
C GLY C 101 -1.62 18.61 21.78
N THR C 102 -2.32 19.66 21.32
CA THR C 102 -2.11 21.02 21.80
C THR C 102 -3.46 21.69 22.00
N LYS C 103 -3.73 22.11 23.23
CA LYS C 103 -5.01 22.74 23.57
C LYS C 103 -4.84 24.26 23.59
N VAL C 104 -5.75 24.97 22.93
CA VAL C 104 -5.80 26.42 23.00
C VAL C 104 -6.65 26.84 24.19
N ASP C 105 -6.12 27.77 25.00
CA ASP C 105 -6.77 28.25 26.20
C ASP C 105 -7.30 29.66 25.99
N ILE C 106 -8.54 29.91 26.43
CA ILE C 106 -9.14 31.24 26.37
C ILE C 106 -8.35 32.27 27.16
N LYS C 107 -7.52 31.80 28.11
CA LYS C 107 -6.93 32.60 29.19
C LYS C 107 -6.27 33.93 28.77
#